data_5ZKK
#
_entry.id   5ZKK
#
_cell.length_a   109.172
_cell.length_b   109.172
_cell.length_c   165.911
_cell.angle_alpha   90.00
_cell.angle_beta   90.00
_cell.angle_gamma   120.00
#
_symmetry.space_group_name_H-M   'P 61 2 2'
#
loop_
_entity.id
_entity.type
_entity.pdbx_description
1 polymer 'Phosphoglycerate mutase family protein, putative'
2 non-polymer BETA-MERCAPTOETHANOL
3 non-polymer 'PHOSPHATE ION'
4 non-polymer DI(HYDROXYETHYL)ETHER
5 non-polymer TRIS-HYDROXYMETHYL-METHYL-AMMONIUM
6 non-polymer GLYCEROL
7 non-polymer 'TETRAETHYLENE GLYCOL'
8 water water
#
_entity_poly.entity_id   1
_entity_poly.type   'polypeptide(L)'
_entity_poly.pdbx_seq_one_letter_code
;MTKLILIRHGETEWNLLGKIQGCTDIELTPNGIQQANEVAQQIKGNFDIIYSSPLHRALITAQKIAGDKEVHLIEGMKEI
PFGTWEGHTFEELNGDINYKKFLSGEDGCPFDSTGMSIASWSKKNAQLLLDLCKQNENKTIVCVSHGAWIKTSILGLLEM
EPTMYHKFQLGNTGITTFIFRHGHPVLTSFNSTQHLLTENKSKTGHHHHHH
;
_entity_poly.pdbx_strand_id   A,B
#
# COMPACT_ATOMS: atom_id res chain seq x y z
N MET A 1 18.42 1.28 10.30
CA MET A 1 17.55 1.37 9.06
C MET A 1 16.89 2.76 8.92
N THR A 2 16.97 3.36 7.74
CA THR A 2 16.21 4.57 7.45
C THR A 2 14.70 4.23 7.17
N LYS A 3 13.78 4.78 7.95
CA LYS A 3 12.36 4.50 7.72
C LYS A 3 11.58 5.79 7.52
N LEU A 4 10.86 5.91 6.38
CA LEU A 4 10.04 7.07 6.11
C LEU A 4 8.55 6.77 6.36
N ILE A 5 7.88 7.59 7.19
CA ILE A 5 6.50 7.44 7.53
C ILE A 5 5.69 8.66 7.10
N LEU A 6 4.79 8.50 6.13
CA LEU A 6 4.00 9.53 5.58
C LEU A 6 2.59 9.36 6.05
N ILE A 7 2.02 10.43 6.64
CA ILE A 7 0.70 10.34 7.25
C ILE A 7 -0.13 11.47 6.76
N ARG A 8 -1.33 11.12 6.32
CA ARG A 8 -2.29 12.15 5.90
C ARG A 8 -2.96 12.77 7.12
N HIS A 9 -3.21 14.08 7.05
CA HIS A 9 -3.97 14.76 8.07
C HIS A 9 -5.36 14.14 8.36
N GLY A 10 -5.84 14.43 9.57
CA GLY A 10 -7.22 14.11 9.91
C GLY A 10 -8.29 14.76 9.12
N GLU A 11 -9.49 14.25 9.30
CA GLU A 11 -10.66 14.76 8.68
C GLU A 11 -10.94 16.25 8.86
N THR A 12 -11.39 16.85 7.78
CA THR A 12 -11.75 18.21 7.65
C THR A 12 -13.23 18.20 7.20
N GLU A 13 -13.93 19.30 7.38
CA GLU A 13 -15.31 19.38 6.95
C GLU A 13 -15.40 19.24 5.44
N TRP A 14 -14.46 19.83 4.73
CA TRP A 14 -14.45 19.68 3.26
C TRP A 14 -14.16 18.23 2.81
N ASN A 15 -13.36 17.46 3.59
CA ASN A 15 -13.14 16.06 3.28
C ASN A 15 -14.48 15.35 3.41
N LEU A 16 -15.28 15.64 4.44
CA LEU A 16 -16.60 15.03 4.53
C LEU A 16 -17.45 15.35 3.30
N LEU A 17 -17.30 16.55 2.76
CA LEU A 17 -18.12 16.98 1.64
C LEU A 17 -17.56 16.58 0.31
N GLY A 18 -16.41 15.94 0.26
CA GLY A 18 -15.71 15.78 -1.01
C GLY A 18 -15.25 17.03 -1.73
N LYS A 19 -15.13 18.15 -1.04
CA LYS A 19 -14.65 19.40 -1.64
C LYS A 19 -13.11 19.47 -1.59
N ILE A 20 -12.55 19.74 -2.75
CA ILE A 20 -11.09 19.74 -2.96
C ILE A 20 -10.52 20.92 -2.23
N GLN A 21 -9.49 20.70 -1.43
CA GLN A 21 -8.98 21.75 -0.54
C GLN A 21 -7.81 22.59 -1.09
N GLY A 22 -6.85 21.96 -1.74
CA GLY A 22 -5.69 22.65 -2.21
C GLY A 22 -5.09 23.54 -1.16
N CYS A 23 -4.85 24.81 -1.54
CA CYS A 23 -4.24 25.80 -0.61
C CYS A 23 -5.20 26.43 0.38
N THR A 24 -6.45 25.97 0.50
CA THR A 24 -7.29 26.42 1.57
C THR A 24 -6.73 25.81 2.88
N ASP A 25 -7.17 26.34 3.99
CA ASP A 25 -6.62 25.97 5.29
C ASP A 25 -7.81 25.69 6.23
N ILE A 26 -8.62 24.76 5.82
CA ILE A 26 -9.78 24.34 6.61
C ILE A 26 -9.33 23.52 7.83
N GLU A 27 -10.00 23.75 8.95
CA GLU A 27 -9.62 23.15 10.24
C GLU A 27 -10.17 21.70 10.29
N LEU A 28 -9.65 20.96 11.25
CA LEU A 28 -10.06 19.61 11.52
C LEU A 28 -11.44 19.61 12.07
N THR A 29 -12.26 18.62 11.74
CA THR A 29 -13.50 18.39 12.52
C THR A 29 -13.20 17.85 13.92
N PRO A 30 -14.21 17.85 14.83
CA PRO A 30 -13.94 17.12 16.12
C PRO A 30 -13.58 15.64 15.83
N ASN A 31 -14.23 15.01 14.88
CA ASN A 31 -13.86 13.65 14.55
C ASN A 31 -12.42 13.54 13.98
N GLY A 32 -12.03 14.56 13.20
CA GLY A 32 -10.62 14.69 12.70
C GLY A 32 -9.59 14.78 13.78
N ILE A 33 -9.96 15.51 14.86
CA ILE A 33 -9.11 15.63 16.02
C ILE A 33 -8.99 14.22 16.63
N GLN A 34 -10.10 13.53 16.74
CA GLN A 34 -10.11 12.20 17.36
C GLN A 34 -9.27 11.21 16.52
N GLN A 35 -9.35 11.30 15.19
CA GLN A 35 -8.49 10.50 14.31
C GLN A 35 -7.02 10.76 14.57
N ALA A 36 -6.68 12.04 14.76
CA ALA A 36 -5.34 12.40 15.00
C ALA A 36 -4.79 11.81 16.34
N ASN A 37 -5.59 11.88 17.38
CA ASN A 37 -5.27 11.19 18.63
C ASN A 37 -5.11 9.68 18.48
N GLU A 38 -5.97 9.06 17.67
CA GLU A 38 -5.87 7.57 17.45
C GLU A 38 -4.67 7.25 16.67
N VAL A 39 -4.28 8.10 15.71
CA VAL A 39 -3.03 7.75 14.95
C VAL A 39 -1.81 8.06 15.81
N ALA A 40 -1.92 9.09 16.63
CA ALA A 40 -0.83 9.39 17.59
C ALA A 40 -0.62 8.19 18.56
N GLN A 41 -1.73 7.63 19.06
CA GLN A 41 -1.67 6.48 19.98
C GLN A 41 -1.12 5.22 19.34
N GLN A 42 -1.40 5.03 18.06
CA GLN A 42 -0.78 3.95 17.26
C GLN A 42 0.72 4.16 17.08
N ILE A 43 1.17 5.38 16.74
CA ILE A 43 2.59 5.59 16.43
C ILE A 43 3.41 5.49 17.74
N LYS A 44 2.75 5.92 18.83
CA LYS A 44 3.23 5.83 20.25
C LYS A 44 4.64 6.45 20.37
N GLY A 45 4.95 7.55 19.68
CA GLY A 45 6.25 8.24 19.84
C GLY A 45 7.43 7.48 19.20
N ASN A 46 7.15 6.42 18.45
CA ASN A 46 8.19 5.58 17.89
C ASN A 46 8.80 6.08 16.53
N PHE A 47 9.51 7.20 16.61
CA PHE A 47 10.21 7.83 15.50
C PHE A 47 11.23 8.79 16.11
N ASP A 48 12.17 9.23 15.32
CA ASP A 48 13.23 10.11 15.80
C ASP A 48 12.92 11.58 15.51
N ILE A 49 12.22 11.87 14.40
CA ILE A 49 12.00 13.25 13.99
C ILE A 49 10.70 13.31 13.23
N ILE A 50 9.94 14.36 13.49
CA ILE A 50 8.69 14.62 12.77
C ILE A 50 8.64 15.97 12.08
N TYR A 51 8.18 15.92 10.84
CA TYR A 51 8.02 17.10 10.00
C TYR A 51 6.58 17.25 9.60
N SER A 52 6.15 18.47 9.34
CA SER A 52 4.76 18.69 8.95
C SER A 52 4.57 19.80 7.94
N SER A 53 3.60 19.62 7.05
CA SER A 53 3.02 20.75 6.37
C SER A 53 2.54 21.82 7.42
N PRO A 54 2.66 23.13 7.06
CA PRO A 54 2.19 24.19 7.96
C PRO A 54 0.72 24.46 7.93
N LEU A 55 -0.03 23.88 6.96
CA LEU A 55 -1.47 24.03 6.94
C LEU A 55 -2.05 23.38 8.18
N HIS A 56 -3.09 24.00 8.77
CA HIS A 56 -3.50 23.64 10.13
C HIS A 56 -3.99 22.14 10.22
N ARG A 57 -4.67 21.65 9.18
CA ARG A 57 -5.20 20.30 9.27
C ARG A 57 -4.06 19.28 9.49
N ALA A 58 -2.89 19.60 8.93
CA ALA A 58 -1.70 18.82 9.10
C ALA A 58 -0.99 19.10 10.36
N LEU A 59 -0.76 20.39 10.64
CA LEU A 59 0.04 20.76 11.81
C LEU A 59 -0.62 20.21 13.09
N ILE A 60 -1.90 20.36 13.24
CA ILE A 60 -2.59 19.90 14.45
C ILE A 60 -2.47 18.34 14.55
N THR A 61 -2.64 17.68 13.42
CA THR A 61 -2.47 16.20 13.37
C THR A 61 -1.05 15.87 13.83
N ALA A 62 -0.05 16.56 13.27
CA ALA A 62 1.32 16.37 13.65
C ALA A 62 1.62 16.60 15.14
N GLN A 63 1.05 17.68 15.71
CA GLN A 63 1.26 17.95 17.11
C GLN A 63 0.69 16.82 18.01
N LYS A 64 -0.43 16.25 17.67
CA LYS A 64 -0.92 15.08 18.46
C LYS A 64 0.06 13.91 18.37
N ILE A 65 0.56 13.61 17.17
CA ILE A 65 1.56 12.56 16.99
C ILE A 65 2.86 12.84 17.74
N ALA A 66 3.32 14.08 17.68
CA ALA A 66 4.65 14.44 18.14
C ALA A 66 4.92 14.22 19.68
N GLY A 67 3.92 14.40 20.53
CA GLY A 67 4.10 14.42 21.99
C GLY A 67 5.05 15.57 22.34
N ASP A 68 6.11 15.21 23.03
CA ASP A 68 7.16 16.11 23.35
C ASP A 68 8.09 16.50 22.19
N LYS A 69 8.10 15.76 21.09
CA LYS A 69 9.10 15.98 20.07
C LYS A 69 8.72 17.27 19.38
N GLU A 70 9.72 17.96 18.87
CA GLU A 70 9.48 19.20 18.20
C GLU A 70 8.93 18.91 16.81
N VAL A 71 7.80 19.50 16.44
CA VAL A 71 7.39 19.49 15.04
C VAL A 71 8.20 20.48 14.20
N HIS A 72 8.82 19.99 13.12
CA HIS A 72 9.50 20.78 12.15
C HIS A 72 8.67 21.09 10.92
N LEU A 73 8.40 22.38 10.69
CA LEU A 73 7.56 22.83 9.58
C LEU A 73 8.36 22.76 8.26
N ILE A 74 7.78 22.19 7.19
CA ILE A 74 8.40 22.21 5.93
C ILE A 74 7.47 22.78 4.94
N GLU A 75 7.83 23.94 4.42
CA GLU A 75 6.99 24.62 3.45
C GLU A 75 6.68 23.76 2.25
N GLY A 76 7.67 23.07 1.79
CA GLY A 76 7.55 22.20 0.66
C GLY A 76 6.63 21.02 0.91
N MET A 77 6.02 20.94 2.08
CA MET A 77 5.15 19.86 2.40
C MET A 77 3.68 20.24 2.37
N LYS A 78 3.40 21.48 2.03
CA LYS A 78 2.07 21.98 1.96
C LYS A 78 1.35 21.33 0.77
N GLU A 79 0.06 21.24 0.82
CA GLU A 79 -0.68 20.61 -0.20
C GLU A 79 -0.41 21.26 -1.57
N ILE A 80 -0.46 20.38 -2.56
CA ILE A 80 -0.44 20.80 -3.98
C ILE A 80 -1.56 21.78 -4.30
N PRO A 81 -1.24 22.96 -4.90
CA PRO A 81 -2.27 23.91 -5.30
C PRO A 81 -3.13 23.25 -6.37
N PHE A 82 -4.44 23.35 -6.22
CA PHE A 82 -5.38 22.80 -7.20
C PHE A 82 -6.06 23.84 -8.10
N GLY A 83 -5.63 25.09 -7.98
CA GLY A 83 -6.16 26.09 -8.93
C GLY A 83 -7.63 26.25 -8.79
N THR A 84 -8.29 26.35 -9.93
CA THR A 84 -9.73 26.60 -9.95
C THR A 84 -10.55 25.42 -9.42
N TRP A 85 -9.89 24.27 -9.27
CA TRP A 85 -10.58 23.09 -8.73
C TRP A 85 -10.86 23.22 -7.25
N GLU A 86 -10.16 24.14 -6.57
CA GLU A 86 -10.34 24.26 -5.12
C GLU A 86 -11.78 24.70 -4.81
N GLY A 87 -12.42 23.98 -3.91
CA GLY A 87 -13.79 24.27 -3.53
C GLY A 87 -14.81 23.43 -4.30
N HIS A 88 -14.39 22.68 -5.31
CA HIS A 88 -15.32 21.85 -6.06
C HIS A 88 -15.15 20.39 -5.70
N THR A 89 -16.15 19.58 -6.05
CA THR A 89 -16.06 18.14 -6.02
C THR A 89 -15.53 17.71 -7.38
N PHE A 90 -15.03 16.49 -7.46
CA PHE A 90 -14.57 16.00 -8.68
C PHE A 90 -15.69 15.83 -9.69
N GLU A 91 -16.90 15.45 -9.24
CA GLU A 91 -18.13 15.42 -10.07
C GLU A 91 -18.37 16.75 -10.72
N GLU A 92 -18.12 17.87 -10.03
CA GLU A 92 -18.34 19.18 -10.68
C GLU A 92 -17.40 19.53 -11.80
N LEU A 93 -16.33 18.79 -12.01
CA LEU A 93 -15.32 19.16 -13.00
C LEU A 93 -15.48 18.50 -14.36
N ASN A 94 -16.49 17.64 -14.54
CA ASN A 94 -16.63 16.86 -15.83
C ASN A 94 -16.58 17.70 -17.11
N GLY A 95 -17.01 18.92 -17.08
CA GLY A 95 -16.72 19.75 -18.27
C GLY A 95 -15.29 20.15 -18.60
N ASP A 96 -14.36 20.05 -17.67
CA ASP A 96 -13.08 20.73 -17.81
C ASP A 96 -12.12 19.86 -18.59
N ILE A 97 -11.56 20.43 -19.65
CA ILE A 97 -10.60 19.67 -20.48
C ILE A 97 -9.33 19.29 -19.69
N ASN A 98 -8.94 20.13 -18.72
CA ASN A 98 -7.81 19.74 -17.87
C ASN A 98 -8.15 18.57 -16.99
N TYR A 99 -9.40 18.45 -16.48
CA TYR A 99 -9.79 17.32 -15.72
C TYR A 99 -9.76 16.04 -16.55
N LYS A 100 -10.19 16.13 -17.80
CA LYS A 100 -10.07 14.98 -18.74
C LYS A 100 -8.60 14.53 -18.88
N LYS A 101 -7.69 15.50 -19.03
CA LYS A 101 -6.28 15.23 -19.09
C LYS A 101 -5.70 14.68 -17.78
N PHE A 102 -6.21 15.16 -16.67
CA PHE A 102 -5.74 14.73 -15.32
C PHE A 102 -6.02 13.22 -15.23
N LEU A 103 -7.19 12.79 -15.71
CA LEU A 103 -7.58 11.33 -15.68
C LEU A 103 -6.87 10.50 -16.77
N SER A 104 -6.63 11.08 -17.94
CA SER A 104 -6.09 10.32 -19.08
C SER A 104 -4.61 10.18 -19.08
N GLY A 105 -3.90 11.13 -18.49
CA GLY A 105 -2.40 11.10 -18.56
C GLY A 105 -1.79 12.10 -19.52
N GLU A 106 -2.62 12.76 -20.32
CA GLU A 106 -2.14 13.81 -21.23
C GLU A 106 -1.45 14.95 -20.39
N ASP A 107 -0.27 15.39 -20.87
CA ASP A 107 0.53 16.43 -20.29
C ASP A 107 0.97 16.08 -18.87
N GLY A 108 1.11 14.79 -18.57
CA GLY A 108 1.47 14.35 -17.24
C GLY A 108 0.44 14.52 -16.17
N CYS A 109 -0.81 14.74 -16.58
CA CYS A 109 -1.99 14.89 -15.68
C CYS A 109 -2.10 16.28 -14.94
N PRO A 110 -2.38 17.32 -15.65
CA PRO A 110 -2.42 18.67 -14.99
C PRO A 110 -3.36 18.85 -13.84
N PHE A 111 -2.90 19.53 -12.81
CA PHE A 111 -3.75 20.07 -11.76
C PHE A 111 -4.40 21.40 -12.27
N ASP A 112 -5.60 21.26 -12.79
CA ASP A 112 -6.37 22.37 -13.32
C ASP A 112 -5.49 23.25 -14.16
N SER A 113 -5.51 24.55 -13.90
CA SER A 113 -4.70 25.47 -14.65
C SER A 113 -3.45 25.96 -13.90
N THR A 114 -2.92 25.13 -13.01
CA THR A 114 -1.75 25.55 -12.23
C THR A 114 -0.41 25.51 -12.95
N GLY A 115 -0.39 24.90 -14.12
CA GLY A 115 0.87 24.63 -14.86
C GLY A 115 1.76 23.58 -14.26
N MET A 116 1.25 22.80 -13.30
CA MET A 116 2.03 21.72 -12.69
C MET A 116 1.16 20.48 -12.85
N SER A 117 1.78 19.31 -12.75
CA SER A 117 1.13 18.04 -13.07
C SER A 117 1.44 16.98 -12.04
N ILE A 118 0.73 15.84 -12.11
CA ILE A 118 1.11 14.70 -11.31
C ILE A 118 2.55 14.31 -11.58
N ALA A 119 2.92 14.29 -12.84
CA ALA A 119 4.30 14.01 -13.22
C ALA A 119 5.31 15.02 -12.54
N SER A 120 5.04 16.35 -12.63
CA SER A 120 6.06 17.32 -12.11
C SER A 120 6.11 17.24 -10.57
N TRP A 121 4.96 17.06 -9.93
CA TRP A 121 4.92 17.00 -8.46
C TRP A 121 5.54 15.72 -7.94
N SER A 122 5.34 14.59 -8.66
CA SER A 122 6.01 13.30 -8.33
C SER A 122 7.51 13.49 -8.22
N LYS A 123 8.07 14.08 -9.24
CA LYS A 123 9.56 14.26 -9.24
C LYS A 123 9.99 15.18 -8.09
N LYS A 124 9.29 16.31 -7.94
CA LYS A 124 9.65 17.30 -6.94
C LYS A 124 9.50 16.80 -5.52
N ASN A 125 8.40 16.12 -5.24
CA ASN A 125 8.18 15.61 -3.91
C ASN A 125 9.07 14.46 -3.56
N ALA A 126 9.36 13.59 -4.54
CA ALA A 126 10.30 12.51 -4.31
C ALA A 126 11.68 13.07 -3.97
N GLN A 127 12.11 14.06 -4.71
CA GLN A 127 13.40 14.71 -4.43
C GLN A 127 13.45 15.29 -3.00
N LEU A 128 12.38 15.96 -2.60
CA LEU A 128 12.36 16.53 -1.27
C LEU A 128 12.48 15.39 -0.25
N LEU A 129 11.71 14.33 -0.42
CA LEU A 129 11.76 13.23 0.54
C LEU A 129 13.09 12.51 0.55
N LEU A 130 13.67 12.35 -0.62
CA LEU A 130 14.97 11.67 -0.64
C LEU A 130 16.08 12.49 0.07
N ASP A 131 16.03 13.80 -0.12
CA ASP A 131 16.90 14.72 0.62
C ASP A 131 16.68 14.66 2.14
N LEU A 132 15.45 14.76 2.63
CA LEU A 132 15.21 14.62 4.05
C LEU A 132 15.67 13.30 4.57
N CYS A 133 15.46 12.24 3.78
CA CYS A 133 15.93 10.89 4.22
C CYS A 133 17.49 10.78 4.21
N LYS A 134 18.18 11.37 3.22
CA LYS A 134 19.69 11.35 3.24
C LYS A 134 20.20 12.13 4.46
N GLN A 135 19.59 13.27 4.70
CA GLN A 135 19.82 14.06 5.87
C GLN A 135 19.51 13.39 7.23
N ASN A 136 18.63 12.39 7.30
CA ASN A 136 18.28 11.77 8.57
C ASN A 136 18.52 10.28 8.44
N GLU A 137 19.64 9.94 7.80
CA GLU A 137 20.02 8.56 7.57
C GLU A 137 20.06 7.78 8.87
N ASN A 138 19.51 6.55 8.85
CA ASN A 138 19.34 5.68 9.97
C ASN A 138 18.39 6.16 10.95
N LYS A 139 17.54 7.12 10.59
CA LYS A 139 16.51 7.52 11.54
C LYS A 139 15.12 7.01 11.04
N THR A 140 14.16 6.98 11.95
CA THR A 140 12.75 6.95 11.62
C THR A 140 12.11 8.36 11.56
N ILE A 141 11.60 8.70 10.37
CA ILE A 141 11.10 10.02 10.03
C ILE A 141 9.60 10.04 9.76
N VAL A 142 8.84 10.83 10.51
CA VAL A 142 7.42 11.08 10.25
C VAL A 142 7.24 12.37 9.47
N CYS A 143 6.44 12.31 8.40
CA CYS A 143 6.02 13.52 7.66
C CYS A 143 4.50 13.53 7.59
N VAL A 144 3.88 14.59 8.06
CA VAL A 144 2.44 14.78 8.08
C VAL A 144 2.06 15.77 7.01
N SER A 145 1.22 15.31 6.08
CA SER A 145 0.94 16.06 4.90
C SER A 145 -0.43 15.68 4.39
N HIS A 146 -0.59 15.84 3.08
CA HIS A 146 -1.89 15.85 2.43
C HIS A 146 -2.00 14.73 1.35
N GLY A 147 -3.25 14.40 0.98
CA GLY A 147 -3.58 13.28 0.06
C GLY A 147 -2.91 13.34 -1.26
N ALA A 148 -2.99 14.48 -1.91
CA ALA A 148 -2.43 14.60 -3.19
C ALA A 148 -0.93 14.63 -3.11
N TRP A 149 -0.39 15.38 -2.15
CA TRP A 149 1.04 15.53 -1.98
C TRP A 149 1.67 14.13 -1.72
N ILE A 150 1.00 13.35 -0.86
CA ILE A 150 1.53 12.04 -0.47
C ILE A 150 1.44 11.08 -1.67
N LYS A 151 0.33 11.10 -2.37
CA LYS A 151 0.20 10.23 -3.56
C LYS A 151 1.21 10.54 -4.58
N THR A 152 1.47 11.82 -4.84
CA THR A 152 2.52 12.12 -5.83
C THR A 152 3.87 11.69 -5.34
N SER A 153 4.15 11.82 -4.03
CA SER A 153 5.33 11.33 -3.42
C SER A 153 5.60 9.85 -3.64
N ILE A 154 4.59 9.05 -3.42
CA ILE A 154 4.69 7.59 -3.59
C ILE A 154 5.10 7.31 -5.03
N LEU A 155 4.40 7.94 -5.95
CA LEU A 155 4.67 7.78 -7.39
C LEU A 155 6.08 8.14 -7.70
N GLY A 156 6.53 9.26 -7.15
CA GLY A 156 7.92 9.68 -7.47
C GLY A 156 8.95 8.77 -6.86
N LEU A 157 8.70 8.36 -5.63
CA LEU A 157 9.66 7.47 -4.96
C LEU A 157 9.79 6.08 -5.67
N LEU A 158 8.67 5.54 -6.13
CA LEU A 158 8.59 4.23 -6.78
C LEU A 158 8.78 4.32 -8.28
N GLU A 159 8.99 5.52 -8.81
CA GLU A 159 9.14 5.75 -10.24
C GLU A 159 7.98 5.21 -11.07
N MET A 160 6.76 5.56 -10.64
CA MET A 160 5.56 5.19 -11.33
C MET A 160 5.03 6.29 -12.16
N GLU A 161 4.24 5.89 -13.15
CA GLU A 161 3.67 6.82 -14.09
C GLU A 161 2.53 7.59 -13.49
N PRO A 162 2.24 8.73 -14.05
CA PRO A 162 1.28 9.66 -13.39
C PRO A 162 -0.14 9.12 -13.23
N THR A 163 -0.68 8.36 -14.17
CA THR A 163 -2.04 7.87 -13.98
C THR A 163 -2.21 6.85 -12.89
N MET A 164 -1.10 6.32 -12.39
CA MET A 164 -1.19 5.45 -11.20
C MET A 164 -1.78 6.15 -10.00
N TYR A 165 -1.68 7.48 -9.95
CA TYR A 165 -2.29 8.29 -8.90
C TYR A 165 -3.77 7.90 -8.67
N HIS A 166 -4.49 7.55 -9.73
CA HIS A 166 -5.88 7.30 -9.60
C HIS A 166 -6.12 5.92 -9.13
N LYS A 167 -5.08 5.14 -9.04
CA LYS A 167 -5.24 3.75 -8.53
C LYS A 167 -4.89 3.58 -7.07
N PHE A 168 -4.59 4.68 -6.39
CA PHE A 168 -4.31 4.66 -4.96
C PHE A 168 -5.36 5.50 -4.29
N GLN A 169 -5.90 5.04 -3.20
CA GLN A 169 -6.81 5.84 -2.39
C GLN A 169 -6.27 5.95 -0.98
N LEU A 170 -6.09 7.16 -0.51
CA LEU A 170 -5.52 7.41 0.83
C LEU A 170 -6.56 8.09 1.77
N GLY A 171 -6.80 7.52 2.94
CA GLY A 171 -7.71 8.07 3.91
C GLY A 171 -7.12 9.05 4.92
N ASN A 172 -7.99 9.70 5.67
CA ASN A 172 -7.55 10.52 6.78
C ASN A 172 -6.80 9.69 7.83
N THR A 173 -5.63 10.22 8.16
CA THR A 173 -4.62 9.63 9.04
C THR A 173 -4.11 8.22 8.53
N GLY A 174 -4.34 7.89 7.26
CA GLY A 174 -3.69 6.77 6.62
C GLY A 174 -2.18 6.81 6.73
N ILE A 175 -1.58 5.69 7.15
CA ILE A 175 -0.17 5.58 7.33
C ILE A 175 0.48 4.83 6.17
N THR A 176 1.53 5.45 5.57
CA THR A 176 2.25 4.88 4.45
C THR A 176 3.71 4.87 4.83
N THR A 177 4.40 3.74 4.63
CA THR A 177 5.77 3.60 5.05
C THR A 177 6.70 3.13 3.96
N PHE A 178 7.93 3.63 4.04
CA PHE A 178 9.04 3.20 3.15
C PHE A 178 10.30 2.86 3.92
N ILE A 179 11.03 1.83 3.45
CA ILE A 179 12.41 1.59 3.81
C ILE A 179 13.26 1.72 2.56
N PHE A 180 14.57 1.70 2.73
CA PHE A 180 15.55 1.94 1.63
C PHE A 180 16.47 0.67 1.61
N ARG A 181 16.51 -0.10 0.54
CA ARG A 181 17.47 -1.17 0.34
C ARG A 181 18.55 -0.51 -0.60
N HIS A 182 19.63 -0.04 0.04
CA HIS A 182 20.76 0.77 -0.52
C HIS A 182 20.29 2.00 -1.29
N GLY A 183 19.58 2.89 -0.62
CA GLY A 183 19.09 4.11 -1.28
C GLY A 183 17.86 3.99 -2.17
N HIS A 184 17.41 2.75 -2.50
CA HIS A 184 16.16 2.47 -3.31
C HIS A 184 14.96 2.27 -2.41
N PRO A 185 13.92 3.12 -2.55
CA PRO A 185 12.76 3.04 -1.66
C PRO A 185 11.96 1.76 -1.92
N VAL A 186 11.48 1.17 -0.85
CA VAL A 186 10.62 0.01 -0.85
C VAL A 186 9.39 0.35 -0.01
N LEU A 187 8.24 0.23 -0.63
CA LEU A 187 6.93 0.42 0.08
C LEU A 187 6.68 -0.73 1.04
N THR A 188 6.56 -0.45 2.35
CA THR A 188 6.27 -1.44 3.33
C THR A 188 4.87 -1.35 3.89
N SER A 189 4.14 -0.25 3.63
CA SER A 189 2.73 -0.19 3.88
C SER A 189 2.14 1.01 3.18
N PHE A 190 0.86 0.90 2.87
CA PHE A 190 0.10 1.99 2.26
C PHE A 190 -1.24 2.12 2.89
N ASN A 191 -1.61 3.39 3.24
CA ASN A 191 -2.92 3.69 3.78
C ASN A 191 -3.44 2.75 4.87
N SER A 192 -2.60 2.49 5.84
CA SER A 192 -3.03 1.69 6.97
C SER A 192 -3.89 2.58 7.86
N THR A 193 -5.11 2.12 8.14
CA THR A 193 -6.10 2.91 8.94
C THR A 193 -6.72 2.09 10.03
N GLN A 194 -6.07 1.01 10.41
CA GLN A 194 -6.65 0.12 11.41
C GLN A 194 -6.83 0.80 12.79
N HIS A 195 -5.98 1.78 13.12
CA HIS A 195 -6.04 2.60 14.37
C HIS A 195 -7.30 3.38 14.52
N LEU A 196 -8.07 3.51 13.47
CA LEU A 196 -9.35 4.19 13.53
C LEU A 196 -10.40 3.26 14.11
N LEU A 197 -10.91 3.61 15.29
CA LEU A 197 -11.92 2.82 16.03
C LEU A 197 -12.87 2.01 15.16
N MET B 1 -18.94 -1.07 -3.90
CA MET B 1 -19.42 -2.07 -2.94
C MET B 1 -18.63 -3.42 -3.03
N THR B 2 -17.98 -3.78 -4.17
CA THR B 2 -17.04 -4.93 -4.22
C THR B 2 -15.71 -4.56 -3.46
N LYS B 3 -15.34 -5.29 -2.42
CA LYS B 3 -14.06 -5.04 -1.73
C LYS B 3 -13.25 -6.35 -1.70
N LEU B 4 -12.02 -6.31 -2.15
CA LEU B 4 -11.15 -7.46 -2.18
C LEU B 4 -10.12 -7.29 -1.13
N ILE B 5 -9.98 -8.29 -0.26
CA ILE B 5 -9.03 -8.27 0.84
C ILE B 5 -8.06 -9.44 0.64
N LEU B 6 -6.77 -9.14 0.35
CA LEU B 6 -5.74 -10.17 0.15
C LEU B 6 -4.92 -10.24 1.42
N ILE B 7 -4.77 -11.42 1.99
CA ILE B 7 -4.10 -11.55 3.26
C ILE B 7 -3.00 -12.59 3.11
N ARG B 8 -1.76 -12.20 3.43
CA ARG B 8 -0.70 -13.15 3.43
C ARG B 8 -0.76 -14.09 4.64
N HIS B 9 -0.39 -15.35 4.43
CA HIS B 9 -0.43 -16.34 5.50
C HIS B 9 0.56 -15.96 6.66
N GLY B 10 0.31 -16.55 7.81
CA GLY B 10 1.15 -16.37 8.95
C GLY B 10 2.51 -16.98 8.85
N GLU B 11 3.36 -16.63 9.81
CA GLU B 11 4.75 -17.07 9.82
C GLU B 11 4.96 -18.57 9.83
N THR B 12 5.84 -19.04 8.98
CA THR B 12 6.45 -20.39 9.15
C THR B 12 7.94 -20.30 9.48
N GLU B 13 8.48 -21.42 9.87
CA GLU B 13 9.93 -21.54 10.25
C GLU B 13 10.79 -21.13 9.11
N TRP B 14 10.36 -21.46 7.88
CA TRP B 14 11.15 -21.05 6.74
C TRP B 14 11.10 -19.53 6.51
N ASN B 15 9.98 -18.89 6.81
CA ASN B 15 9.87 -17.39 6.79
C ASN B 15 10.92 -16.79 7.78
N LEU B 16 11.00 -17.34 8.98
CA LEU B 16 12.08 -16.91 9.93
C LEU B 16 13.47 -17.04 9.32
N LEU B 17 13.73 -18.15 8.65
CA LEU B 17 15.05 -18.41 8.07
C LEU B 17 15.30 -17.70 6.76
N GLY B 18 14.31 -17.02 6.17
CA GLY B 18 14.41 -16.42 4.83
C GLY B 18 14.58 -17.43 3.68
N LYS B 19 14.11 -18.65 3.90
CA LYS B 19 14.17 -19.71 2.91
C LYS B 19 12.91 -19.72 2.05
N ILE B 20 13.11 -19.72 0.75
CA ILE B 20 12.01 -19.60 -0.24
C ILE B 20 11.18 -20.85 -0.17
N GLN B 21 9.88 -20.69 0.01
CA GLN B 21 9.03 -21.88 0.13
C GLN B 21 8.46 -22.47 -1.17
N GLY B 22 7.93 -21.61 -2.02
CA GLY B 22 7.29 -22.05 -3.26
C GLY B 22 6.22 -23.11 -3.00
N CYS B 23 6.36 -24.26 -3.68
CA CYS B 23 5.44 -25.41 -3.53
C CYS B 23 5.65 -26.30 -2.32
N THR B 24 6.56 -25.97 -1.44
CA THR B 24 6.69 -26.72 -0.20
C THR B 24 5.45 -26.41 0.65
N ASP B 25 5.14 -27.26 1.61
CA ASP B 25 3.98 -27.07 2.44
C ASP B 25 4.40 -27.02 3.92
N ILE B 26 5.17 -26.03 4.30
CA ILE B 26 5.66 -25.93 5.67
C ILE B 26 4.56 -25.39 6.61
N GLU B 27 4.53 -25.84 7.83
CA GLU B 27 3.43 -25.47 8.78
C GLU B 27 3.71 -24.11 9.44
N LEU B 28 2.65 -23.45 9.93
CA LEU B 28 2.81 -22.27 10.71
C LEU B 28 3.67 -22.59 11.94
N THR B 29 4.41 -21.63 12.42
CA THR B 29 4.99 -21.72 13.78
C THR B 29 3.90 -21.33 14.78
N PRO B 30 4.16 -21.57 16.07
CA PRO B 30 3.23 -21.08 17.10
C PRO B 30 2.97 -19.57 17.00
N ASN B 31 4.02 -18.82 16.76
CA ASN B 31 3.84 -17.42 16.52
C ASN B 31 2.95 -17.11 15.29
N GLY B 32 3.08 -17.91 14.22
CA GLY B 32 2.24 -17.70 13.04
C GLY B 32 0.80 -18.01 13.27
N ILE B 33 0.53 -19.00 14.13
CA ILE B 33 -0.85 -19.25 14.57
C ILE B 33 -1.44 -18.02 15.28
N GLN B 34 -0.59 -17.41 16.08
CA GLN B 34 -1.00 -16.22 16.84
C GLN B 34 -1.20 -15.05 15.93
N GLN B 35 -0.30 -14.87 14.96
CA GLN B 35 -0.55 -13.86 13.91
C GLN B 35 -1.89 -14.09 13.24
N ALA B 36 -2.21 -15.37 13.00
CA ALA B 36 -3.49 -15.69 12.39
C ALA B 36 -4.65 -15.31 13.27
N ASN B 37 -4.54 -15.61 14.56
CA ASN B 37 -5.60 -15.23 15.52
C ASN B 37 -5.71 -13.71 15.62
N GLU B 38 -4.55 -13.05 15.57
CA GLU B 38 -4.54 -11.57 15.58
C GLU B 38 -5.26 -10.94 14.37
N VAL B 39 -4.95 -11.38 13.17
CA VAL B 39 -5.61 -10.84 12.01
C VAL B 39 -7.06 -11.23 12.01
N ALA B 40 -7.40 -12.45 12.48
CA ALA B 40 -8.77 -12.86 12.61
C ALA B 40 -9.60 -11.88 13.51
N GLN B 41 -9.06 -11.49 14.66
CA GLN B 41 -9.79 -10.58 15.56
C GLN B 41 -9.98 -9.24 14.91
N GLN B 42 -9.01 -8.83 14.12
CA GLN B 42 -9.12 -7.56 13.41
C GLN B 42 -10.24 -7.53 12.35
N ILE B 43 -10.33 -8.61 11.58
CA ILE B 43 -11.19 -8.68 10.44
C ILE B 43 -12.57 -8.89 11.05
N LYS B 44 -12.59 -9.46 12.28
CA LYS B 44 -13.80 -9.81 13.10
C LYS B 44 -15.03 -10.15 12.26
N GLY B 45 -14.94 -11.11 11.36
CA GLY B 45 -16.15 -11.50 10.65
C GLY B 45 -16.78 -10.34 9.80
N ASN B 46 -15.97 -9.41 9.33
CA ASN B 46 -16.44 -8.35 8.50
C ASN B 46 -16.20 -8.60 7.01
N PHE B 47 -16.70 -9.72 6.51
CA PHE B 47 -16.50 -10.06 5.10
C PHE B 47 -17.61 -11.05 4.76
N ASP B 48 -17.91 -11.19 3.49
CA ASP B 48 -19.03 -12.05 3.06
C ASP B 48 -18.60 -13.45 2.68
N ILE B 49 -17.41 -13.61 2.08
CA ILE B 49 -16.97 -14.89 1.65
C ILE B 49 -15.47 -14.95 1.74
N ILE B 50 -14.98 -16.12 2.05
CA ILE B 50 -13.51 -16.31 2.18
C ILE B 50 -12.99 -17.50 1.38
N TYR B 51 -11.92 -17.20 0.64
CA TYR B 51 -11.14 -18.15 -0.14
C TYR B 51 -9.71 -18.31 0.37
N SER B 52 -9.11 -19.46 0.08
CA SER B 52 -7.74 -19.72 0.50
C SER B 52 -7.03 -20.62 -0.40
N SER B 53 -5.72 -20.40 -0.51
CA SER B 53 -4.79 -21.39 -0.98
C SER B 53 -4.94 -22.63 -0.08
N PRO B 54 -4.90 -23.84 -0.67
CA PRO B 54 -4.92 -25.06 0.16
C PRO B 54 -3.67 -25.38 0.91
N LEU B 55 -2.54 -24.72 0.61
CA LEU B 55 -1.33 -25.02 1.33
C LEU B 55 -1.55 -24.67 2.84
N HIS B 56 -1.01 -25.49 3.74
CA HIS B 56 -1.46 -25.41 5.14
C HIS B 56 -1.21 -24.04 5.83
N ARG B 57 -0.12 -23.37 5.46
CA ARG B 57 0.23 -22.12 6.13
C ARG B 57 -0.90 -21.10 5.83
N ALA B 58 -1.47 -21.14 4.63
CA ALA B 58 -2.54 -20.34 4.25
C ALA B 58 -3.86 -20.84 4.79
N LEU B 59 -4.14 -22.12 4.63
CA LEU B 59 -5.43 -22.64 5.03
C LEU B 59 -5.70 -22.45 6.51
N ILE B 60 -4.68 -22.73 7.34
CA ILE B 60 -4.87 -22.61 8.77
C ILE B 60 -5.11 -21.09 9.12
N THR B 61 -4.41 -20.19 8.44
CA THR B 61 -4.62 -18.76 8.67
C THR B 61 -6.07 -18.44 8.31
N ALA B 62 -6.55 -18.99 7.19
CA ALA B 62 -7.89 -18.76 6.74
C ALA B 62 -8.95 -19.28 7.70
N GLN B 63 -8.71 -20.46 8.26
CA GLN B 63 -9.64 -21.04 9.17
C GLN B 63 -9.72 -20.25 10.45
N LYS B 64 -8.62 -19.62 10.85
CA LYS B 64 -8.71 -18.67 11.99
C LYS B 64 -9.58 -17.49 11.67
N ILE B 65 -9.44 -16.95 10.44
CA ILE B 65 -10.20 -15.77 10.06
C ILE B 65 -11.71 -16.03 9.86
N ALA B 66 -12.05 -17.24 9.43
CA ALA B 66 -13.35 -17.55 8.80
C ALA B 66 -14.52 -17.51 9.77
N GLY B 67 -14.29 -17.84 11.02
CA GLY B 67 -15.37 -17.85 11.97
C GLY B 67 -16.38 -18.89 11.59
N ASP B 68 -17.62 -18.48 11.42
CA ASP B 68 -18.64 -19.42 11.04
C ASP B 68 -18.82 -19.63 9.54
N LYS B 69 -17.90 -19.13 8.74
CA LYS B 69 -17.98 -19.31 7.31
C LYS B 69 -17.03 -20.40 6.84
N GLU B 70 -17.40 -21.05 5.76
CA GLU B 70 -16.62 -22.05 5.15
C GLU B 70 -15.48 -21.42 4.35
N VAL B 71 -14.32 -22.00 4.42
CA VAL B 71 -13.19 -21.58 3.63
C VAL B 71 -13.28 -22.29 2.31
N HIS B 72 -13.34 -21.56 1.22
CA HIS B 72 -13.38 -22.14 -0.12
C HIS B 72 -11.95 -22.20 -0.67
N LEU B 73 -11.48 -23.43 -0.92
CA LEU B 73 -10.18 -23.73 -1.44
C LEU B 73 -10.06 -23.38 -2.89
N ILE B 74 -9.00 -22.72 -3.30
CA ILE B 74 -8.83 -22.37 -4.67
C ILE B 74 -7.42 -22.79 -5.08
N GLU B 75 -7.33 -23.71 -6.03
CA GLU B 75 -6.07 -24.29 -6.39
C GLU B 75 -5.17 -23.20 -6.98
N GLY B 76 -5.75 -22.34 -7.79
CA GLY B 76 -5.05 -21.24 -8.40
C GLY B 76 -4.58 -20.09 -7.45
N MET B 77 -4.75 -20.27 -6.13
CA MET B 77 -4.27 -19.32 -5.13
C MET B 77 -3.07 -19.88 -4.42
N LYS B 78 -2.68 -21.10 -4.77
CA LYS B 78 -1.43 -21.66 -4.25
C LYS B 78 -0.25 -20.80 -4.65
N GLU B 79 0.76 -20.86 -3.82
CA GLU B 79 1.97 -20.15 -4.10
C GLU B 79 2.51 -20.44 -5.47
N ILE B 80 3.09 -19.39 -6.04
CA ILE B 80 3.90 -19.44 -7.24
C ILE B 80 5.03 -20.49 -7.06
N PRO B 81 5.16 -21.41 -8.04
CA PRO B 81 6.35 -22.28 -8.00
C PRO B 81 7.63 -21.52 -8.22
N PHE B 82 8.61 -21.78 -7.36
CA PHE B 82 9.92 -21.14 -7.48
C PHE B 82 11.03 -22.05 -8.03
N GLY B 83 10.67 -23.24 -8.52
CA GLY B 83 11.65 -24.07 -9.14
C GLY B 83 12.82 -24.39 -8.23
N THR B 84 14.03 -24.29 -8.73
CA THR B 84 15.22 -24.67 -7.97
C THR B 84 15.57 -23.65 -6.88
N TRP B 85 14.86 -22.53 -6.85
CA TRP B 85 15.03 -21.54 -5.77
C TRP B 85 14.48 -22.02 -4.43
N GLU B 86 13.56 -22.98 -4.47
CA GLU B 86 12.82 -23.40 -3.25
C GLU B 86 13.86 -24.00 -2.33
N GLY B 87 13.84 -23.62 -1.06
CA GLY B 87 14.79 -24.16 -0.10
C GLY B 87 16.00 -23.24 0.03
N HIS B 88 16.20 -22.31 -0.91
CA HIS B 88 17.29 -21.36 -0.79
C HIS B 88 16.82 -20.01 -0.23
N THR B 89 17.85 -19.26 0.17
CA THR B 89 17.80 -17.92 0.57
C THR B 89 18.03 -17.10 -0.68
N PHE B 90 17.54 -15.87 -0.76
CA PHE B 90 17.86 -15.06 -1.90
C PHE B 90 19.40 -14.79 -2.02
N GLU B 91 20.12 -14.64 -0.91
CA GLU B 91 21.60 -14.49 -0.93
C GLU B 91 22.30 -15.62 -1.63
N GLU B 92 21.76 -16.83 -1.59
CA GLU B 92 22.41 -17.98 -2.19
C GLU B 92 22.24 -18.02 -3.70
N LEU B 93 21.43 -17.15 -4.26
CA LEU B 93 21.16 -17.16 -5.69
C LEU B 93 21.97 -16.19 -6.52
N ASN B 94 22.89 -15.45 -5.91
CA ASN B 94 23.64 -14.40 -6.66
C ASN B 94 24.35 -14.81 -7.92
N GLY B 95 24.77 -16.05 -7.97
CA GLY B 95 25.35 -16.57 -9.19
C GLY B 95 24.38 -16.86 -10.32
N ASP B 96 23.10 -16.98 -10.00
CA ASP B 96 22.17 -17.63 -10.93
C ASP B 96 21.77 -16.54 -11.98
N ILE B 97 21.96 -16.85 -13.24
CA ILE B 97 21.61 -15.91 -14.32
C ILE B 97 20.11 -15.50 -14.30
N ASN B 98 19.26 -16.43 -13.90
CA ASN B 98 17.85 -16.15 -13.80
C ASN B 98 17.51 -15.19 -12.70
N TYR B 99 18.28 -15.26 -11.62
CA TYR B 99 18.12 -14.40 -10.53
C TYR B 99 18.53 -12.95 -10.95
N LYS B 100 19.59 -12.81 -11.73
CA LYS B 100 19.90 -11.49 -12.31
C LYS B 100 18.79 -10.92 -13.11
N LYS B 101 18.17 -11.76 -13.94
CA LYS B 101 17.08 -11.31 -14.79
C LYS B 101 15.82 -11.03 -13.92
N PHE B 102 15.58 -11.82 -12.88
CA PHE B 102 14.44 -11.60 -11.93
C PHE B 102 14.62 -10.16 -11.36
N LEU B 103 15.84 -9.77 -11.01
CA LEU B 103 16.08 -8.39 -10.51
C LEU B 103 15.97 -7.32 -11.56
N SER B 104 16.40 -7.59 -12.79
CA SER B 104 16.66 -6.53 -13.78
C SER B 104 15.43 -6.24 -14.57
N GLY B 105 14.54 -7.24 -14.74
CA GLY B 105 13.40 -7.11 -15.64
C GLY B 105 13.46 -7.83 -16.97
N GLU B 106 14.62 -8.39 -17.28
CA GLU B 106 14.73 -9.19 -18.49
C GLU B 106 13.87 -10.45 -18.46
N ASP B 107 13.24 -10.72 -19.59
CA ASP B 107 12.27 -11.79 -19.77
C ASP B 107 11.07 -11.71 -18.79
N GLY B 108 10.79 -10.50 -18.31
CA GLY B 108 9.67 -10.22 -17.39
C GLY B 108 9.89 -10.72 -15.98
N CYS B 109 11.14 -10.94 -15.65
CA CYS B 109 11.58 -11.39 -14.31
C CYS B 109 11.31 -12.87 -13.97
N PRO B 110 12.00 -13.79 -14.64
CA PRO B 110 11.78 -15.23 -14.38
C PRO B 110 11.84 -15.73 -12.96
N PHE B 111 10.96 -16.67 -12.64
CA PHE B 111 11.01 -17.39 -11.39
C PHE B 111 11.90 -18.65 -11.67
N ASP B 112 13.18 -18.55 -11.40
CA ASP B 112 14.11 -19.65 -11.67
C ASP B 112 13.98 -20.09 -13.12
N SER B 113 13.85 -21.40 -13.22
CA SER B 113 13.71 -22.07 -14.52
C SER B 113 12.34 -22.69 -14.57
N THR B 114 11.32 -22.01 -14.05
CA THR B 114 9.97 -22.48 -14.12
C THR B 114 9.30 -22.13 -15.46
N GLY B 115 9.92 -21.35 -16.29
CA GLY B 115 9.25 -20.88 -17.53
C GLY B 115 8.16 -19.86 -17.29
N MET B 116 8.01 -19.39 -16.07
CA MET B 116 7.02 -18.39 -15.70
C MET B 116 7.74 -17.18 -15.08
N SER B 117 7.12 -16.01 -15.07
CA SER B 117 7.77 -14.75 -14.64
C SER B 117 6.82 -13.92 -13.79
N ILE B 118 7.38 -12.89 -13.21
CA ILE B 118 6.54 -11.94 -12.49
C ILE B 118 5.50 -11.48 -13.49
N ALA B 119 5.92 -11.17 -14.71
CA ALA B 119 4.96 -10.67 -15.73
C ALA B 119 3.84 -11.66 -15.97
N SER B 120 4.15 -12.94 -16.25
CA SER B 120 3.05 -13.88 -16.63
C SER B 120 2.18 -14.14 -15.42
N TRP B 121 2.79 -14.23 -14.26
CA TRP B 121 1.96 -14.43 -13.08
C TRP B 121 1.06 -13.28 -12.70
N SER B 122 1.56 -12.02 -12.86
CA SER B 122 0.75 -10.86 -12.69
C SER B 122 -0.56 -10.93 -13.41
N LYS B 123 -0.48 -11.26 -14.68
CA LYS B 123 -1.68 -11.30 -15.52
C LYS B 123 -2.57 -12.43 -15.11
N LYS B 124 -2.01 -13.61 -14.91
CA LYS B 124 -2.82 -14.81 -14.57
C LYS B 124 -3.62 -14.59 -13.26
N ASN B 125 -2.91 -14.13 -12.25
CA ASN B 125 -3.49 -13.98 -10.95
C ASN B 125 -4.49 -12.83 -10.88
N ALA B 126 -4.17 -11.73 -11.56
CA ALA B 126 -5.10 -10.64 -11.65
C ALA B 126 -6.37 -11.13 -12.31
N GLN B 127 -6.24 -11.93 -13.37
CA GLN B 127 -7.45 -12.45 -14.05
C GLN B 127 -8.28 -13.34 -13.10
N LEU B 128 -7.64 -14.23 -12.35
CA LEU B 128 -8.38 -15.02 -11.34
C LEU B 128 -9.15 -14.15 -10.37
N LEU B 129 -8.47 -13.11 -9.85
CA LEU B 129 -9.11 -12.22 -8.91
C LEU B 129 -10.23 -11.43 -9.57
N LEU B 130 -10.03 -10.95 -10.76
CA LEU B 130 -11.15 -10.29 -11.48
C LEU B 130 -12.43 -11.13 -11.65
N ASP B 131 -12.23 -12.39 -12.00
CA ASP B 131 -13.33 -13.33 -12.15
C ASP B 131 -13.96 -13.58 -10.81
N LEU B 132 -13.16 -13.70 -9.71
CA LEU B 132 -13.73 -13.78 -8.41
C LEU B 132 -14.60 -12.60 -8.02
N CYS B 133 -14.14 -11.42 -8.40
CA CYS B 133 -14.86 -10.15 -8.08
C CYS B 133 -16.16 -10.02 -8.88
N LYS B 134 -16.14 -10.56 -10.10
CA LYS B 134 -17.39 -10.66 -10.85
C LYS B 134 -18.39 -11.67 -10.26
N GLN B 135 -17.92 -12.86 -9.94
CA GLN B 135 -18.76 -13.83 -9.29
C GLN B 135 -19.37 -13.35 -8.01
N ASN B 136 -18.55 -12.62 -7.24
CA ASN B 136 -18.93 -12.05 -5.94
C ASN B 136 -19.14 -10.55 -5.96
N GLU B 137 -19.71 -10.03 -7.06
CA GLU B 137 -19.99 -8.63 -7.13
C GLU B 137 -20.80 -8.07 -5.96
N ASN B 138 -20.36 -6.90 -5.49
CA ASN B 138 -20.86 -6.21 -4.31
C ASN B 138 -20.67 -6.89 -2.98
N LYS B 139 -19.76 -7.85 -2.95
CA LYS B 139 -19.37 -8.44 -1.72
C LYS B 139 -17.95 -8.04 -1.28
N THR B 140 -17.69 -8.21 0.01
CA THR B 140 -16.39 -8.20 0.55
C THR B 140 -15.85 -9.61 0.61
N ILE B 141 -14.75 -9.81 -0.08
CA ILE B 141 -14.15 -11.11 -0.34
C ILE B 141 -12.75 -11.16 0.25
N VAL B 142 -12.46 -12.17 1.08
CA VAL B 142 -11.17 -12.38 1.64
C VAL B 142 -10.49 -13.52 0.91
N CYS B 143 -9.27 -13.28 0.47
CA CYS B 143 -8.43 -14.34 -0.08
C CYS B 143 -7.15 -14.44 0.71
N VAL B 144 -6.87 -15.63 1.20
CA VAL B 144 -5.64 -15.92 1.95
C VAL B 144 -4.65 -16.69 1.09
N SER B 145 -3.45 -16.15 0.96
CA SER B 145 -2.53 -16.67 0.00
C SER B 145 -1.12 -16.27 0.43
N HIS B 146 -0.22 -16.15 -0.56
CA HIS B 146 1.19 -16.07 -0.34
C HIS B 146 1.78 -14.77 -0.81
N GLY B 147 2.99 -14.52 -0.36
CA GLY B 147 3.76 -13.29 -0.61
C GLY B 147 3.94 -12.99 -2.08
N ALA B 148 4.56 -13.90 -2.81
CA ALA B 148 4.76 -13.77 -4.20
C ALA B 148 3.47 -13.71 -5.01
N TRP B 149 2.55 -14.58 -4.67
CA TRP B 149 1.28 -14.63 -5.33
C TRP B 149 0.51 -13.30 -5.15
N ILE B 150 0.48 -12.79 -3.91
CA ILE B 150 -0.19 -11.50 -3.63
C ILE B 150 0.53 -10.33 -4.33
N LYS B 151 1.86 -10.30 -4.32
CA LYS B 151 2.51 -9.18 -4.96
C LYS B 151 2.33 -9.17 -6.45
N THR B 152 2.44 -10.33 -7.10
CA THR B 152 2.09 -10.38 -8.55
C THR B 152 0.66 -9.98 -8.80
N SER B 153 -0.29 -10.34 -7.92
CA SER B 153 -1.67 -9.94 -8.08
C SER B 153 -1.82 -8.45 -8.03
N ILE B 154 -1.12 -7.85 -7.09
CA ILE B 154 -1.13 -6.36 -6.98
C ILE B 154 -0.70 -5.70 -8.29
N LEU B 155 0.46 -6.14 -8.79
CA LEU B 155 0.98 -5.67 -10.09
C LEU B 155 0.06 -5.86 -11.24
N GLY B 156 -0.61 -7.02 -11.28
CA GLY B 156 -1.51 -7.28 -12.40
C GLY B 156 -2.78 -6.53 -12.29
N LEU B 157 -3.30 -6.37 -11.08
CA LEU B 157 -4.47 -5.57 -10.92
C LEU B 157 -4.33 -4.08 -11.21
N LEU B 158 -3.17 -3.53 -10.90
CA LEU B 158 -2.90 -2.11 -11.12
C LEU B 158 -2.13 -1.86 -12.39
N GLU B 159 -1.79 -2.95 -13.12
CA GLU B 159 -1.08 -2.91 -14.39
C GLU B 159 0.29 -2.26 -14.31
N MET B 160 1.07 -2.69 -13.32
CA MET B 160 2.38 -2.23 -13.13
C MET B 160 3.38 -3.14 -13.77
N GLU B 161 4.53 -2.57 -14.05
CA GLU B 161 5.64 -3.35 -14.59
C GLU B 161 6.20 -4.33 -13.58
N PRO B 162 6.77 -5.42 -14.08
CA PRO B 162 7.23 -6.47 -13.19
C PRO B 162 8.28 -6.13 -12.20
N THR B 163 9.25 -5.26 -12.54
CA THR B 163 10.25 -4.93 -11.48
C THR B 163 9.68 -4.08 -10.37
N MET B 164 8.47 -3.59 -10.48
CA MET B 164 7.79 -3.04 -9.30
C MET B 164 7.63 -4.02 -8.14
N TYR B 165 7.67 -5.32 -8.43
CA TYR B 165 7.59 -6.31 -7.38
C TYR B 165 8.61 -6.11 -6.31
N HIS B 166 9.83 -5.72 -6.66
CA HIS B 166 10.89 -5.60 -5.72
C HIS B 166 10.73 -4.32 -4.88
N LYS B 167 9.73 -3.50 -5.18
CA LYS B 167 9.53 -2.24 -4.42
C LYS B 167 8.34 -2.37 -3.48
N PHE B 168 7.79 -3.59 -3.30
CA PHE B 168 6.69 -3.86 -2.31
C PHE B 168 7.22 -4.90 -1.33
N GLN B 169 7.10 -4.67 -0.06
CA GLN B 169 7.45 -5.67 0.91
C GLN B 169 6.15 -6.03 1.70
N LEU B 170 5.79 -7.32 1.70
CA LEU B 170 4.55 -7.84 2.28
C LEU B 170 4.85 -8.79 3.42
N GLY B 171 4.36 -8.46 4.61
CA GLY B 171 4.66 -9.24 5.85
C GLY B 171 3.62 -10.35 6.12
N ASN B 172 3.91 -11.18 7.09
CA ASN B 172 3.02 -12.25 7.45
C ASN B 172 1.77 -11.63 8.04
N THR B 173 0.61 -12.12 7.53
CA THR B 173 -0.70 -11.61 7.77
C THR B 173 -0.90 -10.13 7.40
N GLY B 174 -0.02 -9.56 6.58
CA GLY B 174 -0.29 -8.30 5.99
C GLY B 174 -1.58 -8.25 5.20
N ILE B 175 -2.33 -7.19 5.41
CA ILE B 175 -3.60 -7.03 4.76
C ILE B 175 -3.50 -6.06 3.61
N THR B 176 -4.04 -6.45 2.43
CA THR B 176 -3.97 -5.56 1.24
C THR B 176 -5.40 -5.51 0.68
N THR B 177 -5.94 -4.33 0.38
CA THR B 177 -7.34 -4.22 -0.04
C THR B 177 -7.48 -3.42 -1.29
N PHE B 178 -8.52 -3.77 -2.05
CA PHE B 178 -8.90 -3.09 -3.28
C PHE B 178 -10.39 -2.84 -3.23
N ILE B 179 -10.80 -1.75 -3.90
CA ILE B 179 -12.19 -1.51 -4.33
C ILE B 179 -12.19 -1.30 -5.82
N PHE B 180 -13.36 -1.15 -6.41
CA PHE B 180 -13.49 -0.96 -7.88
C PHE B 180 -14.14 0.37 -8.23
N ARG B 181 -13.56 1.15 -9.10
CA ARG B 181 -14.22 2.42 -9.50
C ARG B 181 -14.35 2.44 -11.00
N HIS B 182 -15.59 2.45 -11.51
CA HIS B 182 -15.86 2.35 -12.96
C HIS B 182 -15.28 0.99 -13.43
N GLY B 183 -15.56 -0.10 -12.68
CA GLY B 183 -14.88 -1.44 -12.88
C GLY B 183 -13.32 -1.56 -12.75
N HIS B 184 -12.63 -0.47 -12.39
CA HIS B 184 -11.15 -0.46 -12.34
C HIS B 184 -10.67 -0.63 -10.89
N PRO B 185 -9.72 -1.53 -10.65
CA PRO B 185 -9.23 -1.70 -9.25
C PRO B 185 -8.50 -0.46 -8.74
N VAL B 186 -8.73 -0.15 -7.48
CA VAL B 186 -8.01 0.92 -6.78
C VAL B 186 -7.52 0.33 -5.46
N LEU B 187 -6.23 0.50 -5.21
CA LEU B 187 -5.57 0.05 -3.99
C LEU B 187 -5.93 0.94 -2.81
N THR B 188 -6.55 0.35 -1.80
CA THR B 188 -6.97 1.11 -0.62
C THR B 188 -6.18 0.78 0.64
N SER B 189 -5.37 -0.30 0.64
CA SER B 189 -4.34 -0.51 1.67
C SER B 189 -3.37 -1.59 1.21
N PHE B 190 -2.11 -1.51 1.67
CA PHE B 190 -1.08 -2.45 1.32
C PHE B 190 -0.36 -2.76 2.62
N ASN B 191 -0.23 -4.08 2.89
CA ASN B 191 0.52 -4.66 3.97
C ASN B 191 0.25 -4.01 5.29
N SER B 192 -1.00 -3.85 5.63
CA SER B 192 -1.35 -3.30 6.93
C SER B 192 -1.11 -4.40 8.01
N THR B 193 -0.27 -4.14 9.04
CA THR B 193 0.12 -5.11 10.01
C THR B 193 -0.03 -4.60 11.43
N GLN B 194 -0.87 -3.62 11.65
CA GLN B 194 -1.02 -3.00 12.95
C GLN B 194 -1.73 -3.97 13.97
N HIS B 195 -2.46 -4.93 13.45
CA HIS B 195 -3.05 -5.99 14.29
C HIS B 195 -2.07 -6.86 15.05
N LEU B 196 -0.79 -6.86 14.68
CA LEU B 196 0.23 -7.68 15.34
C LEU B 196 0.82 -6.91 16.59
N LEU B 197 1.43 -7.58 17.59
CA LEU B 197 1.64 -6.92 18.95
C LEU B 197 2.99 -6.24 19.35
#